data_9G1K
#
_entry.id   9G1K
#
_cell.length_a   67.728
_cell.length_b   89.608
_cell.length_c   44.930
_cell.angle_alpha   90.000
_cell.angle_beta   90.000
_cell.angle_gamma   90.000
#
_symmetry.space_group_name_H-M   'P 21 21 2'
#
loop_
_entity.id
_entity.type
_entity.pdbx_description
1 polymer 'Fosfomycin resistance protein'
2 non-polymer 1,2-ETHANEDIOL
3 non-polymer 2-sulfanylpyridine-3-carboximidamide
4 non-polymer 'MANGANESE (II) ION'
5 water water
#
_entity_poly.entity_id   1
_entity_poly.type   'polypeptide(L)'
_entity_poly.pdbx_seq_one_letter_code
;MLSGLNHLTLAVSQLAPSVAFYQQLLGMTLHARWDSGAYLSCGDLWLCLSLDPQRRVTPPEESDYTHYAFSISEADFASF
AARLEAAGVAVWKLNRSEGASHYFLDPDGHKLELHVGSLAQRLAACREQPYKGMVFFEQHHHHHH
;
_entity_poly.pdbx_strand_id   A,B
#
loop_
_chem_comp.id
_chem_comp.type
_chem_comp.name
_chem_comp.formula
A1IHZ non-polymer 2-sulfanylpyridine-3-carboximidamide 'C6 H7 N3 S'
EDO non-polymer 1,2-ETHANEDIOL 'C2 H6 O2'
MN non-polymer 'MANGANESE (II) ION' 'Mn 2'
#
# COMPACT_ATOMS: atom_id res chain seq x y z
N MET A 1 10.87 1.85 -16.28
CA MET A 1 9.53 1.23 -16.06
C MET A 1 9.35 0.77 -14.62
N LEU A 2 8.18 1.06 -14.07
CA LEU A 2 7.82 0.58 -12.75
C LEU A 2 7.35 -0.86 -12.85
N SER A 3 7.72 -1.66 -11.85
N SER A 3 7.76 -1.68 -11.91
CA SER A 3 7.43 -3.08 -11.86
CA SER A 3 7.23 -3.03 -11.87
C SER A 3 6.98 -3.51 -10.46
C SER A 3 7.11 -3.46 -10.42
N GLY A 4 5.89 -2.94 -9.99
N GLY A 4 5.89 -3.52 -9.92
CA GLY A 4 5.21 -3.47 -8.82
CA GLY A 4 5.62 -4.01 -8.60
C GLY A 4 5.53 -2.68 -7.57
C GLY A 4 5.74 -2.94 -7.53
N LEU A 5 4.96 -3.14 -6.46
CA LEU A 5 5.22 -2.50 -5.20
C LEU A 5 6.52 -3.02 -4.59
N ASN A 6 7.44 -2.11 -4.34
CA ASN A 6 8.69 -2.47 -3.68
C ASN A 6 8.47 -2.72 -2.20
N HIS A 7 7.75 -1.82 -1.54
CA HIS A 7 7.38 -2.00 -0.14
C HIS A 7 6.19 -1.12 0.19
N LEU A 8 5.49 -1.52 1.26
CA LEU A 8 4.44 -0.75 1.91
C LEU A 8 4.96 -0.33 3.26
N THR A 9 4.95 0.97 3.55
CA THR A 9 5.34 1.48 4.84
C THR A 9 4.13 2.06 5.54
N LEU A 10 3.84 1.55 6.72
CA LEU A 10 2.77 2.06 7.56
C LEU A 10 3.38 2.80 8.74
N ALA A 11 2.97 4.06 8.91
CA ALA A 11 3.32 4.80 10.11
C ALA A 11 2.52 4.25 11.28
N VAL A 12 3.18 4.01 12.41
CA VAL A 12 2.54 3.46 13.58
C VAL A 12 2.82 4.35 14.78
N SER A 13 1.88 4.39 15.72
CA SER A 13 2.06 5.21 16.90
C SER A 13 2.77 4.48 18.04
N GLN A 14 2.63 3.16 18.12
CA GLN A 14 3.27 2.36 19.16
C GLN A 14 3.81 1.12 18.48
N LEU A 15 5.13 0.97 18.49
CA LEU A 15 5.74 -0.05 17.65
C LEU A 15 5.37 -1.45 18.10
N ALA A 16 5.49 -1.74 19.40
CA ALA A 16 5.33 -3.13 19.85
C ALA A 16 3.92 -3.65 19.56
N PRO A 17 2.85 -2.93 19.88
CA PRO A 17 1.51 -3.44 19.53
C PRO A 17 1.32 -3.64 18.05
N SER A 18 1.92 -2.80 17.22
N SER A 18 1.90 -2.77 17.23
CA SER A 18 1.76 -2.97 15.79
CA SER A 18 1.79 -2.94 15.79
C SER A 18 2.53 -4.18 15.29
C SER A 18 2.52 -4.20 15.33
N VAL A 19 3.76 -4.39 15.78
CA VAL A 19 4.49 -5.60 15.42
C VAL A 19 3.69 -6.83 15.83
N ALA A 20 3.12 -6.80 17.04
CA ALA A 20 2.34 -7.95 17.50
C ALA A 20 1.14 -8.19 16.61
N PHE A 21 0.47 -7.13 16.16
CA PHE A 21 -0.69 -7.30 15.29
C PHE A 21 -0.31 -7.98 13.98
N TYR A 22 0.72 -7.48 13.31
CA TYR A 22 1.07 -8.02 11.98
C TYR A 22 1.74 -9.39 12.08
N GLN A 23 2.56 -9.60 13.11
CA GLN A 23 3.26 -10.87 13.26
C GLN A 23 2.39 -11.92 13.94
N GLN A 24 1.92 -11.62 15.15
CA GLN A 24 1.18 -12.63 15.91
C GLN A 24 -0.22 -12.84 15.35
N LEU A 25 -0.97 -11.75 15.16
CA LEU A 25 -2.37 -11.92 14.80
C LEU A 25 -2.52 -12.24 13.32
N LEU A 26 -1.81 -11.53 12.44
CA LEU A 26 -1.95 -11.77 11.00
C LEU A 26 -0.97 -12.82 10.46
N GLY A 27 0.03 -13.22 11.24
CA GLY A 27 0.90 -14.30 10.85
C GLY A 27 2.00 -13.93 9.89
N MET A 28 2.28 -12.65 9.72
CA MET A 28 3.39 -12.28 8.85
C MET A 28 4.72 -12.58 9.52
N THR A 29 5.77 -12.65 8.69
CA THR A 29 7.09 -13.03 9.15
C THR A 29 7.87 -11.78 9.57
N LEU A 30 8.34 -11.78 10.80
CA LEU A 30 9.15 -10.67 11.31
C LEU A 30 10.62 -10.97 11.02
N HIS A 31 11.29 -10.07 10.31
CA HIS A 31 12.70 -10.22 9.97
C HIS A 31 13.62 -9.41 10.86
N ALA A 32 13.22 -8.21 11.27
CA ALA A 32 14.06 -7.36 12.09
C ALA A 32 13.17 -6.31 12.75
N ARG A 33 13.60 -5.85 13.91
CA ARG A 33 12.94 -4.81 14.68
C ARG A 33 14.03 -3.94 15.27
N TRP A 34 13.78 -2.64 15.36
CA TRP A 34 14.72 -1.71 15.97
C TRP A 34 13.93 -0.68 16.75
N ASP A 35 14.62 0.30 17.30
CA ASP A 35 13.95 1.20 18.22
C ASP A 35 12.82 1.97 17.55
N SER A 36 12.88 2.14 16.23
N SER A 36 12.87 2.17 16.23
CA SER A 36 11.94 3.00 15.51
CA SER A 36 11.85 2.97 15.58
C SER A 36 11.20 2.30 14.38
C SER A 36 11.29 2.31 14.33
N GLY A 37 11.31 0.98 14.25
CA GLY A 37 10.62 0.33 13.16
C GLY A 37 10.77 -1.18 13.17
N ALA A 38 10.16 -1.79 12.16
CA ALA A 38 10.27 -3.23 11.95
C ALA A 38 10.09 -3.53 10.48
N TYR A 39 10.72 -4.62 10.05
CA TYR A 39 10.56 -5.16 8.71
C TYR A 39 9.92 -6.54 8.79
N LEU A 40 8.82 -6.70 8.05
CA LEU A 40 8.10 -7.96 7.97
C LEU A 40 7.91 -8.31 6.49
N SER A 41 7.61 -9.59 6.24
CA SER A 41 7.18 -9.99 4.91
C SER A 41 5.90 -10.80 5.00
N CYS A 42 5.15 -10.73 3.93
CA CYS A 42 3.90 -11.48 3.75
C CYS A 42 3.97 -11.99 2.32
N GLY A 43 4.39 -13.24 2.16
CA GLY A 43 4.72 -13.69 0.81
C GLY A 43 5.79 -12.78 0.24
N ASP A 44 5.56 -12.26 -0.96
N ASP A 44 5.52 -12.24 -0.93
CA ASP A 44 6.52 -11.36 -1.56
CA ASP A 44 6.45 -11.34 -1.62
C ASP A 44 6.42 -9.93 -1.05
C ASP A 44 6.28 -9.88 -1.23
N LEU A 45 5.37 -9.57 -0.31
CA LEU A 45 5.25 -8.21 0.20
C LEU A 45 6.31 -7.90 1.28
N TRP A 46 7.02 -6.79 1.11
CA TRP A 46 7.86 -6.18 2.14
C TRP A 46 7.04 -5.11 2.84
N LEU A 47 6.75 -5.35 4.11
CA LEU A 47 6.02 -4.42 4.97
C LEU A 47 7.01 -3.77 5.94
N CYS A 48 6.99 -2.46 5.99
N CYS A 48 7.01 -2.45 6.00
CA CYS A 48 7.73 -1.68 6.96
CA CYS A 48 7.78 -1.72 7.00
C CYS A 48 6.75 -1.05 7.92
C CYS A 48 6.83 -0.98 7.92
N LEU A 49 7.00 -1.19 9.22
CA LEU A 49 6.28 -0.45 10.25
C LEU A 49 7.25 0.60 10.73
N SER A 50 6.86 1.87 10.64
CA SER A 50 7.74 2.98 10.99
C SER A 50 7.13 3.76 12.14
N LEU A 51 7.84 3.80 13.27
CA LEU A 51 7.35 4.55 14.42
C LEU A 51 7.33 6.03 14.07
N ASP A 52 6.17 6.65 14.17
CA ASP A 52 5.99 8.02 13.72
C ASP A 52 5.23 8.78 14.80
N PRO A 53 5.85 9.76 15.47
CA PRO A 53 5.10 10.56 16.44
C PRO A 53 3.92 11.29 15.84
N GLN A 54 3.88 11.45 14.51
N GLN A 54 3.86 11.44 14.52
CA GLN A 54 2.75 12.10 13.85
CA GLN A 54 2.74 12.12 13.88
C GLN A 54 1.55 11.19 13.69
C GLN A 54 1.61 11.18 13.50
N ARG A 55 1.75 9.87 13.69
CA ARG A 55 0.64 8.95 13.48
C ARG A 55 -0.41 9.06 14.59
N ARG A 56 -1.67 9.25 14.19
CA ARG A 56 -2.78 9.23 15.12
C ARG A 56 -3.64 7.98 14.93
N VAL A 57 -4.19 7.51 16.04
CA VAL A 57 -5.17 6.43 16.00
C VAL A 57 -6.44 7.03 15.40
N THR A 58 -6.83 6.58 14.23
CA THR A 58 -7.82 7.27 13.43
C THR A 58 -9.07 6.43 13.26
N PRO A 59 -10.23 6.90 13.74
CA PRO A 59 -11.46 6.15 13.52
C PRO A 59 -11.79 6.08 12.03
N PRO A 60 -12.47 5.02 11.59
CA PRO A 60 -12.64 4.81 10.14
C PRO A 60 -13.54 5.84 9.49
N GLU A 61 -14.41 6.50 10.24
CA GLU A 61 -15.24 7.56 9.70
C GLU A 61 -14.44 8.83 9.44
N GLU A 62 -13.22 8.95 9.95
N GLU A 62 -13.23 8.94 9.99
CA GLU A 62 -12.43 10.14 9.74
CA GLU A 62 -12.36 10.10 9.84
C GLU A 62 -11.17 9.85 8.90
C GLU A 62 -11.30 9.91 8.74
N SER A 63 -11.15 8.72 8.18
CA SER A 63 -10.22 8.51 7.10
C SER A 63 -10.97 8.20 5.81
N ASP A 64 -10.32 8.47 4.69
CA ASP A 64 -10.85 8.14 3.38
C ASP A 64 -10.71 6.63 3.12
N TYR A 65 -11.08 6.23 1.90
CA TYR A 65 -11.21 4.83 1.54
C TYR A 65 -9.88 4.16 1.20
N THR A 66 -8.77 4.87 1.28
CA THR A 66 -7.47 4.25 1.03
C THR A 66 -7.30 3.02 1.93
N HIS A 67 -6.89 1.89 1.35
CA HIS A 67 -6.83 0.66 2.13
C HIS A 67 -5.91 -0.35 1.47
N TYR A 68 -5.54 -1.36 2.26
CA TYR A 68 -4.52 -2.35 1.91
C TYR A 68 -5.13 -3.72 2.10
N ALA A 69 -5.22 -4.49 1.01
CA ALA A 69 -5.81 -5.81 1.04
C ALA A 69 -4.74 -6.89 0.93
N PHE A 70 -4.88 -7.93 1.76
CA PHE A 70 -3.99 -9.09 1.75
C PHE A 70 -4.70 -10.29 1.15
N SER A 71 -3.95 -11.08 0.39
CA SER A 71 -4.46 -12.27 -0.26
C SER A 71 -4.59 -13.43 0.71
N ILE A 72 -5.66 -14.20 0.56
CA ILE A 72 -5.91 -15.40 1.32
C ILE A 72 -6.69 -16.35 0.42
N SER A 73 -6.50 -17.64 0.63
CA SER A 73 -7.16 -18.62 -0.20
C SER A 73 -8.63 -18.75 0.17
N GLU A 74 -9.40 -19.28 -0.78
CA GLU A 74 -10.82 -19.54 -0.51
C GLU A 74 -10.98 -20.50 0.65
N ALA A 75 -10.07 -21.47 0.80
CA ALA A 75 -10.19 -22.44 1.87
C ALA A 75 -9.93 -21.82 3.24
N ASP A 76 -9.06 -20.81 3.32
CA ASP A 76 -8.67 -20.24 4.60
C ASP A 76 -9.47 -18.99 5.00
N PHE A 77 -10.18 -18.37 4.04
CA PHE A 77 -10.75 -17.05 4.27
C PHE A 77 -11.68 -16.99 5.48
N ALA A 78 -12.69 -17.87 5.53
CA ALA A 78 -13.73 -17.70 6.52
C ALA A 78 -13.20 -17.91 7.93
N SER A 79 -12.33 -18.90 8.12
N SER A 79 -12.37 -18.93 8.11
CA SER A 79 -11.87 -19.15 9.48
CA SER A 79 -11.81 -19.20 9.44
C SER A 79 -10.92 -18.06 9.96
C SER A 79 -10.98 -18.01 9.93
N PHE A 80 -10.15 -17.45 9.04
CA PHE A 80 -9.27 -16.35 9.41
C PHE A 80 -10.10 -15.13 9.78
N ALA A 81 -11.10 -14.79 8.96
CA ALA A 81 -11.99 -13.68 9.28
C ALA A 81 -12.67 -13.90 10.63
N ALA A 82 -13.17 -15.11 10.87
CA ALA A 82 -13.86 -15.39 12.13
C ALA A 82 -12.91 -15.27 13.32
N ARG A 83 -11.66 -15.69 13.14
CA ARG A 83 -10.67 -15.55 14.21
C ARG A 83 -10.40 -14.09 14.54
N LEU A 84 -10.28 -13.23 13.52
CA LEU A 84 -10.13 -11.81 13.77
C LEU A 84 -11.34 -11.25 14.52
N GLU A 85 -12.55 -11.62 14.09
CA GLU A 85 -13.75 -11.17 14.79
C GLU A 85 -13.75 -11.61 16.24
N ALA A 86 -13.44 -12.87 16.50
CA ALA A 86 -13.47 -13.37 17.86
C ALA A 86 -12.40 -12.70 18.72
N ALA A 87 -11.28 -12.29 18.10
CA ALA A 87 -10.24 -11.57 18.81
C ALA A 87 -10.59 -10.11 19.07
N GLY A 88 -11.73 -9.64 18.59
CA GLY A 88 -12.15 -8.28 18.87
C GLY A 88 -11.53 -7.23 17.98
N VAL A 89 -11.02 -7.62 16.82
CA VAL A 89 -10.44 -6.67 15.89
C VAL A 89 -11.53 -5.75 15.37
N ALA A 90 -11.27 -4.44 15.41
CA ALA A 90 -12.24 -3.45 14.96
C ALA A 90 -12.43 -3.52 13.46
N VAL A 91 -13.60 -3.09 13.00
CA VAL A 91 -13.92 -3.21 11.59
C VAL A 91 -14.23 -1.83 11.02
N TRP A 92 -14.35 -1.77 9.71
CA TRP A 92 -14.79 -0.58 9.03
C TRP A 92 -15.82 -0.96 8.01
N LYS A 93 -16.67 0.00 7.72
CA LYS A 93 -17.91 -0.23 7.00
C LYS A 93 -17.78 0.35 5.60
N LEU A 94 -18.38 -0.36 4.65
CA LEU A 94 -18.44 0.01 3.26
C LEU A 94 -19.88 -0.23 2.80
N ASN A 95 -20.27 0.43 1.72
CA ASN A 95 -21.57 0.12 1.13
C ASN A 95 -21.58 -1.24 0.47
N ARG A 96 -20.46 -1.66 -0.12
CA ARG A 96 -20.43 -2.99 -0.71
C ARG A 96 -19.07 -3.62 -0.54
N SER A 97 -19.08 -4.93 -0.30
CA SER A 97 -17.88 -5.73 -0.26
C SER A 97 -17.36 -5.96 -1.67
N GLU A 98 -16.03 -6.03 -1.77
N GLU A 98 -16.03 -6.00 -1.82
CA GLU A 98 -15.35 -6.33 -3.03
CA GLU A 98 -15.45 -6.27 -3.12
C GLU A 98 -15.26 -7.85 -3.16
C GLU A 98 -15.26 -7.78 -3.25
N GLY A 99 -16.35 -8.45 -3.62
CA GLY A 99 -16.34 -9.91 -3.63
C GLY A 99 -16.15 -10.51 -2.25
N ALA A 100 -15.32 -11.55 -2.18
CA ALA A 100 -15.09 -12.28 -0.94
C ALA A 100 -14.01 -11.54 -0.13
N SER A 101 -14.46 -10.63 0.74
CA SER A 101 -13.58 -9.72 1.46
C SER A 101 -14.04 -9.54 2.90
N HIS A 102 -13.08 -9.34 3.79
CA HIS A 102 -13.33 -9.02 5.18
C HIS A 102 -12.55 -7.75 5.50
N TYR A 103 -13.23 -6.75 6.05
CA TYR A 103 -12.67 -5.42 6.27
C TYR A 103 -12.41 -5.21 7.76
N PHE A 104 -11.19 -4.82 8.09
CA PHE A 104 -10.80 -4.69 9.49
C PHE A 104 -9.75 -3.60 9.62
N LEU A 105 -9.50 -3.19 10.86
CA LEU A 105 -8.59 -2.09 11.17
C LEU A 105 -7.39 -2.57 11.95
N ASP A 106 -6.25 -1.96 11.71
CA ASP A 106 -5.07 -2.17 12.56
C ASP A 106 -5.15 -1.27 13.78
N PRO A 107 -4.19 -1.41 14.71
CA PRO A 107 -4.29 -0.65 15.97
C PRO A 107 -4.36 0.85 15.79
N ASP A 108 -3.81 1.40 14.71
CA ASP A 108 -3.84 2.82 14.44
C ASP A 108 -4.98 3.22 13.51
N GLY A 109 -5.83 2.28 13.13
CA GLY A 109 -6.90 2.59 12.22
C GLY A 109 -6.53 2.48 10.76
N HIS A 110 -5.36 1.96 10.42
CA HIS A 110 -5.12 1.67 9.01
C HIS A 110 -6.18 0.70 8.51
N LYS A 111 -6.75 0.99 7.35
CA LYS A 111 -7.83 0.20 6.79
C LYS A 111 -7.25 -0.99 6.03
N LEU A 112 -7.56 -2.19 6.52
CA LEU A 112 -7.08 -3.44 5.96
C LEU A 112 -8.24 -4.28 5.46
N GLU A 113 -7.88 -5.31 4.70
CA GLU A 113 -8.85 -6.17 4.05
C GLU A 113 -8.20 -7.53 3.82
N LEU A 114 -8.98 -8.59 4.00
CA LEU A 114 -8.65 -9.91 3.46
C LEU A 114 -9.49 -10.08 2.20
N HIS A 115 -8.87 -10.50 1.10
CA HIS A 115 -9.60 -10.72 -0.14
C HIS A 115 -9.17 -12.02 -0.81
N VAL A 116 -10.16 -12.74 -1.33
CA VAL A 116 -9.94 -13.93 -2.13
C VAL A 116 -10.10 -13.55 -3.59
N GLY A 117 -9.03 -13.69 -4.38
CA GLY A 117 -9.13 -13.54 -5.82
C GLY A 117 -8.16 -12.53 -6.38
N SER A 118 -7.79 -12.73 -7.66
CA SER A 118 -6.86 -11.89 -8.38
C SER A 118 -7.58 -10.78 -9.14
N LEU A 119 -6.78 -9.87 -9.71
CA LEU A 119 -7.33 -8.84 -10.57
C LEU A 119 -8.01 -9.46 -11.78
N ALA A 120 -7.38 -10.47 -12.39
CA ALA A 120 -8.01 -11.12 -13.54
C ALA A 120 -9.38 -11.69 -13.17
N GLN A 121 -9.47 -12.33 -12.01
CA GLN A 121 -10.75 -12.88 -11.56
C GLN A 121 -11.77 -11.78 -11.32
N ARG A 122 -11.34 -10.67 -10.73
CA ARG A 122 -12.25 -9.56 -10.48
C ARG A 122 -12.74 -8.95 -11.79
N LEU A 123 -11.86 -8.80 -12.78
CA LEU A 123 -12.30 -8.25 -14.06
C LEU A 123 -13.34 -9.16 -14.71
N ALA A 124 -13.11 -10.47 -14.68
CA ALA A 124 -14.08 -11.40 -15.23
C ALA A 124 -15.41 -11.33 -14.49
N ALA A 125 -15.36 -11.24 -13.16
CA ALA A 125 -16.62 -11.14 -12.40
C ALA A 125 -17.32 -9.83 -12.70
N CYS A 126 -16.55 -8.75 -12.85
CA CYS A 126 -17.13 -7.44 -13.12
C CYS A 126 -17.76 -7.35 -14.50
N ARG A 127 -17.27 -8.13 -15.48
CA ARG A 127 -17.94 -8.15 -16.77
C ARG A 127 -19.39 -8.59 -16.63
N GLU A 128 -19.67 -9.52 -15.72
CA GLU A 128 -21.05 -9.95 -15.51
C GLU A 128 -21.80 -9.01 -14.57
N GLN A 129 -21.11 -8.36 -13.64
CA GLN A 129 -21.73 -7.45 -12.68
C GLN A 129 -20.94 -6.14 -12.69
N PRO A 130 -21.06 -5.35 -13.74
CA PRO A 130 -20.20 -4.16 -13.83
C PRO A 130 -20.57 -3.06 -12.86
N TYR A 131 -19.58 -2.28 -12.48
CA TYR A 131 -19.84 -0.99 -11.89
C TYR A 131 -20.54 -0.10 -12.91
N LYS A 132 -21.19 0.94 -12.40
N LYS A 132 -21.19 0.94 -12.40
CA LYS A 132 -21.90 1.85 -13.28
CA LYS A 132 -21.89 1.87 -13.27
C LYS A 132 -20.90 2.57 -14.19
C LYS A 132 -20.90 2.57 -14.19
N GLY A 133 -21.16 2.53 -15.50
CA GLY A 133 -20.28 3.15 -16.46
C GLY A 133 -19.01 2.41 -16.75
N MET A 134 -18.92 1.14 -16.37
CA MET A 134 -17.64 0.44 -16.47
C MET A 134 -17.27 0.20 -17.94
N VAL A 135 -16.00 0.43 -18.27
N VAL A 135 -16.01 0.42 -18.27
CA VAL A 135 -15.38 0.12 -19.54
CA VAL A 135 -15.42 0.08 -19.56
C VAL A 135 -14.16 -0.75 -19.26
C VAL A 135 -14.15 -0.70 -19.32
N PHE A 136 -13.92 -1.71 -20.14
CA PHE A 136 -12.79 -2.62 -20.03
C PHE A 136 -11.85 -2.37 -21.20
N PHE A 137 -10.57 -2.33 -20.93
CA PHE A 137 -9.58 -2.05 -21.96
C PHE A 137 -8.82 -3.30 -22.28
N MET B 1 -3.84 -18.45 6.13
CA MET B 1 -2.48 -17.85 5.97
C MET B 1 -2.54 -16.81 4.87
N LEU B 2 -1.95 -15.65 5.13
CA LEU B 2 -1.91 -14.59 4.12
C LEU B 2 -0.75 -14.80 3.17
N SER B 3 -0.98 -14.57 1.88
CA SER B 3 0.00 -14.93 0.87
C SER B 3 0.61 -13.77 0.12
N GLY B 4 0.29 -12.54 0.48
CA GLY B 4 0.88 -11.39 -0.17
C GLY B 4 -0.09 -10.22 -0.13
N LEU B 5 0.30 -9.15 -0.79
CA LEU B 5 -0.60 -8.01 -1.00
C LEU B 5 -1.54 -8.33 -2.15
N ASN B 6 -2.83 -8.28 -1.88
CA ASN B 6 -3.82 -8.51 -2.92
C ASN B 6 -4.02 -7.28 -3.78
N HIS B 7 -4.27 -6.14 -3.16
CA HIS B 7 -4.38 -4.88 -3.87
C HIS B 7 -4.13 -3.71 -2.94
N LEU B 8 -3.73 -2.60 -3.56
CA LEU B 8 -3.62 -1.29 -2.93
C LEU B 8 -4.71 -0.41 -3.51
N THR B 9 -5.53 0.19 -2.64
CA THR B 9 -6.56 1.12 -3.06
C THR B 9 -6.24 2.51 -2.57
N LEU B 10 -6.19 3.47 -3.48
CA LEU B 10 -6.00 4.87 -3.15
C LEU B 10 -7.30 5.63 -3.36
N ALA B 11 -7.75 6.33 -2.33
CA ALA B 11 -8.84 7.28 -2.49
C ALA B 11 -8.35 8.50 -3.24
N VAL B 12 -9.13 8.95 -4.21
CA VAL B 12 -8.74 10.08 -5.04
C VAL B 12 -9.88 11.09 -5.07
N SER B 13 -9.52 12.38 -5.19
CA SER B 13 -10.53 13.42 -5.20
C SER B 13 -11.08 13.69 -6.59
N GLN B 14 -10.28 13.46 -7.63
CA GLN B 14 -10.70 13.65 -9.01
C GLN B 14 -10.13 12.51 -9.83
N LEU B 15 -11.01 11.76 -10.48
CA LEU B 15 -10.57 10.51 -11.12
C LEU B 15 -9.69 10.78 -12.33
N ALA B 16 -10.06 11.72 -13.19
CA ALA B 16 -9.32 11.92 -14.42
C ALA B 16 -7.85 12.26 -14.18
N PRO B 17 -7.50 13.24 -13.32
CA PRO B 17 -6.07 13.51 -13.14
C PRO B 17 -5.35 12.37 -12.49
N SER B 18 -6.03 11.60 -11.64
CA SER B 18 -5.37 10.46 -11.03
C SER B 18 -5.10 9.35 -12.04
N VAL B 19 -6.06 9.08 -12.94
CA VAL B 19 -5.79 8.12 -14.01
C VAL B 19 -4.64 8.60 -14.89
N ALA B 20 -4.63 9.90 -15.22
CA ALA B 20 -3.55 10.42 -16.05
C ALA B 20 -2.21 10.23 -15.36
N PHE B 21 -2.15 10.49 -14.06
CA PHE B 21 -0.90 10.35 -13.32
C PHE B 21 -0.41 8.90 -13.33
N TYR B 22 -1.28 7.97 -12.93
CA TYR B 22 -0.82 6.59 -12.78
C TYR B 22 -0.64 5.90 -14.13
N GLN B 23 -1.53 6.14 -15.09
CA GLN B 23 -1.41 5.50 -16.40
C GLN B 23 -0.39 6.20 -17.29
N GLN B 24 -0.57 7.49 -17.54
CA GLN B 24 0.25 8.16 -18.55
C GLN B 24 1.61 8.55 -17.99
N LEU B 25 1.64 9.21 -16.83
CA LEU B 25 2.93 9.65 -16.31
C LEU B 25 3.73 8.47 -15.77
N LEU B 26 3.11 7.65 -14.93
N LEU B 26 3.12 7.63 -14.95
CA LEU B 26 3.84 6.54 -14.30
CA LEU B 26 3.85 6.54 -14.32
C LEU B 26 3.97 5.32 -15.20
C LEU B 26 3.86 5.25 -15.12
N GLY B 27 3.12 5.19 -16.23
CA GLY B 27 3.19 4.05 -17.13
C GLY B 27 2.47 2.78 -16.69
N MET B 28 1.60 2.83 -15.69
CA MET B 28 0.83 1.67 -15.30
C MET B 28 -0.23 1.31 -16.33
N THR B 29 -0.64 0.06 -16.32
CA THR B 29 -1.61 -0.45 -17.29
C THR B 29 -3.03 -0.26 -16.76
N LEU B 30 -3.86 0.41 -17.53
CA LEU B 30 -5.25 0.65 -17.16
C LEU B 30 -6.10 -0.49 -17.70
N HIS B 31 -6.74 -1.25 -16.81
CA HIS B 31 -7.55 -2.39 -17.21
C HIS B 31 -9.04 -2.09 -17.26
N ALA B 32 -9.54 -1.21 -16.41
CA ALA B 32 -10.95 -0.88 -16.42
C ALA B 32 -11.14 0.44 -15.72
N ARG B 33 -12.20 1.15 -16.11
CA ARG B 33 -12.58 2.40 -15.48
C ARG B 33 -14.10 2.45 -15.42
N TRP B 34 -14.63 3.06 -14.37
CA TRP B 34 -16.05 3.23 -14.20
C TRP B 34 -16.27 4.63 -13.63
N ASP B 35 -17.54 4.97 -13.38
CA ASP B 35 -17.84 6.36 -13.02
C ASP B 35 -17.11 6.78 -11.75
N SER B 36 -16.80 5.85 -10.85
CA SER B 36 -16.20 6.22 -9.57
C SER B 36 -14.89 5.48 -9.29
N GLY B 37 -14.20 4.96 -10.29
CA GLY B 37 -12.91 4.37 -10.01
C GLY B 37 -12.24 3.76 -11.22
N ALA B 38 -11.10 3.11 -10.95
CA ALA B 38 -10.34 2.46 -12.00
C ALA B 38 -9.50 1.34 -11.40
N TYR B 39 -9.21 0.35 -12.22
CA TYR B 39 -8.28 -0.72 -11.90
C TYR B 39 -7.08 -0.65 -12.82
N LEU B 40 -5.89 -0.63 -12.23
CA LEU B 40 -4.63 -0.61 -12.96
C LEU B 40 -3.75 -1.72 -12.43
N SER B 41 -2.73 -2.05 -13.20
CA SER B 41 -1.68 -2.93 -12.72
C SER B 41 -0.31 -2.32 -12.98
N CYS B 42 0.63 -2.72 -12.13
CA CYS B 42 2.03 -2.31 -12.21
C CYS B 42 2.82 -3.54 -11.82
N GLY B 43 3.35 -4.28 -12.78
CA GLY B 43 3.89 -5.59 -12.45
C GLY B 43 2.80 -6.42 -11.78
N ASP B 44 3.14 -7.04 -10.66
N ASP B 44 3.15 -7.05 -10.65
CA ASP B 44 2.20 -7.84 -9.90
CA ASP B 44 2.19 -7.84 -9.89
C ASP B 44 1.38 -7.03 -8.90
C ASP B 44 1.19 -7.00 -9.10
N LEU B 45 1.43 -5.70 -8.95
CA LEU B 45 0.56 -4.88 -8.13
C LEU B 45 -0.77 -4.62 -8.82
N TRP B 46 -1.86 -4.90 -8.11
CA TRP B 46 -3.21 -4.48 -8.46
C TRP B 46 -3.47 -3.18 -7.72
N LEU B 47 -3.61 -2.10 -8.47
CA LEU B 47 -3.92 -0.78 -7.93
C LEU B 47 -5.36 -0.42 -8.24
N CYS B 48 -6.11 0.00 -7.24
N CYS B 48 -6.09 0.06 -7.24
CA CYS B 48 -7.44 0.55 -7.46
CA CYS B 48 -7.45 0.54 -7.41
C CYS B 48 -7.40 2.03 -7.10
C CYS B 48 -7.51 2.02 -7.05
N LEU B 49 -7.97 2.85 -7.98
CA LEU B 49 -8.23 4.26 -7.71
C LEU B 49 -9.72 4.37 -7.44
N SER B 50 -10.09 4.90 -6.28
CA SER B 50 -11.49 5.02 -5.90
C SER B 50 -11.84 6.47 -5.67
N LEU B 51 -12.77 7.00 -6.46
CA LEU B 51 -13.23 8.36 -6.27
C LEU B 51 -13.95 8.48 -4.93
N ASP B 52 -13.47 9.40 -4.10
CA ASP B 52 -13.94 9.50 -2.73
C ASP B 52 -14.08 10.97 -2.37
N PRO B 53 -15.28 11.50 -2.17
N PRO B 53 -15.31 11.47 -2.21
CA PRO B 53 -15.39 12.92 -1.80
CA PRO B 53 -15.50 12.84 -1.71
C PRO B 53 -14.70 13.25 -0.49
C PRO B 53 -14.88 13.08 -0.35
N GLN B 54 -14.46 12.26 0.37
N GLN B 54 -14.45 12.04 0.36
CA GLN B 54 -13.75 12.51 1.61
CA GLN B 54 -13.75 12.26 1.62
C GLN B 54 -12.24 12.62 1.43
C GLN B 54 -12.31 12.73 1.38
N ARG B 55 -11.71 12.36 0.24
CA ARG B 55 -10.29 12.56 0.06
C ARG B 55 -9.96 14.03 -0.01
N ARG B 56 -9.03 14.46 0.84
CA ARG B 56 -8.49 15.82 0.84
C ARG B 56 -7.15 15.84 0.10
N VAL B 57 -6.93 16.88 -0.69
CA VAL B 57 -5.61 17.10 -1.26
C VAL B 57 -4.72 17.53 -0.10
N THR B 58 -3.79 16.67 0.29
CA THR B 58 -3.17 16.78 1.61
C THR B 58 -1.70 17.14 1.49
N PRO B 59 -1.30 18.30 2.00
CA PRO B 59 0.11 18.66 1.98
C PRO B 59 0.93 17.64 2.75
N PRO B 60 2.18 17.43 2.35
CA PRO B 60 2.97 16.35 2.99
C PRO B 60 3.28 16.62 4.46
N GLU B 61 3.32 17.88 4.88
CA GLU B 61 3.51 18.20 6.28
C GLU B 61 2.33 17.78 7.13
N GLU B 62 1.17 17.56 6.52
CA GLU B 62 -0.05 17.25 7.24
C GLU B 62 -0.41 15.77 7.23
N SER B 63 0.40 14.92 6.60
CA SER B 63 0.17 13.49 6.63
C SER B 63 1.36 12.82 7.30
N ASP B 64 1.11 11.62 7.83
CA ASP B 64 2.17 10.85 8.46
C ASP B 64 3.03 10.19 7.38
N TYR B 65 3.96 9.34 7.83
CA TYR B 65 4.99 8.76 6.98
C TYR B 65 4.52 7.56 6.17
N THR B 66 3.26 7.15 6.30
CA THR B 66 2.76 6.04 5.49
C THR B 66 3.00 6.32 4.02
N HIS B 67 3.57 5.36 3.29
CA HIS B 67 3.91 5.60 1.90
C HIS B 67 4.02 4.30 1.14
N TYR B 68 4.02 4.44 -0.20
CA TYR B 68 3.93 3.32 -1.14
C TYR B 68 5.10 3.44 -2.09
N ALA B 69 6.00 2.46 -2.07
CA ALA B 69 7.19 2.47 -2.90
C ALA B 69 7.05 1.50 -4.07
N PHE B 70 7.39 1.97 -5.27
CA PHE B 70 7.36 1.16 -6.50
C PHE B 70 8.78 0.76 -6.87
N SER B 71 8.92 -0.45 -7.40
CA SER B 71 10.23 -0.91 -7.83
C SER B 71 10.58 -0.40 -9.23
N ILE B 72 11.86 -0.09 -9.40
CA ILE B 72 12.42 0.31 -10.68
C ILE B 72 13.85 -0.15 -10.69
N SER B 73 14.38 -0.46 -11.87
CA SER B 73 15.77 -0.88 -11.92
C SER B 73 16.69 0.31 -11.69
N GLU B 74 17.91 0.01 -11.21
CA GLU B 74 18.93 1.04 -11.11
C GLU B 74 19.12 1.76 -12.44
N ALA B 75 19.15 1.02 -13.53
CA ALA B 75 19.44 1.61 -14.83
C ALA B 75 18.35 2.59 -15.27
N ASP B 76 17.11 2.38 -14.84
CA ASP B 76 15.99 3.20 -15.25
C ASP B 76 15.71 4.35 -14.29
N PHE B 77 16.29 4.31 -13.09
CA PHE B 77 15.88 5.21 -12.00
C PHE B 77 16.03 6.68 -12.39
N ALA B 78 17.20 7.07 -12.91
CA ALA B 78 17.47 8.50 -13.08
C ALA B 78 16.57 9.10 -14.15
N SER B 79 16.32 8.38 -15.23
N SER B 79 16.36 8.37 -15.24
CA SER B 79 15.46 8.96 -16.27
CA SER B 79 15.46 8.83 -16.29
C SER B 79 14.01 9.01 -15.81
C SER B 79 14.06 9.05 -15.73
N PHE B 80 13.58 8.11 -14.94
CA PHE B 80 12.22 8.19 -14.42
C PHE B 80 12.09 9.37 -13.45
N ALA B 81 13.07 9.54 -12.57
CA ALA B 81 13.06 10.71 -11.70
C ALA B 81 13.03 11.99 -12.51
N ALA B 82 13.79 12.05 -13.61
CA ALA B 82 13.81 13.25 -14.44
C ALA B 82 12.47 13.48 -15.12
N ARG B 83 11.77 12.41 -15.50
CA ARG B 83 10.43 12.53 -16.05
C ARG B 83 9.48 13.16 -15.03
N LEU B 84 9.52 12.66 -13.79
CA LEU B 84 8.67 13.23 -12.74
C LEU B 84 9.01 14.69 -12.53
N GLU B 85 10.31 15.03 -12.54
N GLU B 85 10.30 15.02 -12.50
CA GLU B 85 10.71 16.42 -12.34
CA GLU B 85 10.71 16.41 -12.33
C GLU B 85 10.25 17.31 -13.49
C GLU B 85 10.18 17.28 -13.47
N ALA B 86 10.32 16.80 -14.72
CA ALA B 86 9.85 17.60 -15.86
C ALA B 86 8.38 17.89 -15.73
N ALA B 87 7.62 16.91 -15.24
CA ALA B 87 6.17 17.04 -15.05
C ALA B 87 5.82 17.89 -13.83
N GLY B 88 6.80 18.37 -13.09
CA GLY B 88 6.54 19.22 -11.96
C GLY B 88 6.04 18.50 -10.73
N VAL B 89 6.31 17.20 -10.62
CA VAL B 89 5.81 16.42 -9.50
C VAL B 89 6.61 16.77 -8.26
N ALA B 90 5.92 17.09 -7.17
CA ALA B 90 6.60 17.53 -5.96
C ALA B 90 7.29 16.37 -5.23
N VAL B 91 8.41 16.70 -4.59
CA VAL B 91 9.20 15.79 -3.77
C VAL B 91 8.91 16.09 -2.31
N TRP B 92 8.74 15.05 -1.51
CA TRP B 92 8.42 15.22 -0.09
C TRP B 92 9.54 14.86 0.88
N LYS B 93 10.67 14.35 0.41
CA LYS B 93 11.78 13.92 1.25
C LYS B 93 12.99 13.69 0.35
N LEU B 94 14.20 13.90 0.89
CA LEU B 94 15.42 13.45 0.23
C LEU B 94 15.86 12.08 0.74
N ASN B 95 16.47 11.29 -0.14
CA ASN B 95 16.98 9.97 0.26
C ASN B 95 18.19 10.12 1.16
N ARG B 96 18.20 9.36 2.25
CA ARG B 96 19.34 9.26 3.15
C ARG B 96 19.55 7.83 3.61
N SER B 97 18.98 6.84 2.91
N SER B 97 19.16 6.84 2.82
CA SER B 97 19.07 5.41 3.24
CA SER B 97 19.28 5.46 3.26
C SER B 97 19.79 4.67 2.12
C SER B 97 19.59 4.60 2.05
N GLU B 98 20.05 3.37 2.33
CA GLU B 98 20.65 2.56 1.27
C GLU B 98 19.69 2.29 0.10
N GLY B 99 20.25 2.30 -1.09
CA GLY B 99 19.49 2.03 -2.28
C GLY B 99 18.85 3.30 -2.77
N ALA B 100 18.88 3.52 -4.06
CA ALA B 100 18.30 4.73 -4.62
C ALA B 100 16.81 4.84 -4.26
N SER B 101 16.40 6.04 -3.88
CA SER B 101 15.00 6.33 -3.60
C SER B 101 14.68 7.75 -4.04
N HIS B 102 13.51 7.92 -4.65
CA HIS B 102 12.97 9.21 -5.04
C HIS B 102 11.60 9.32 -4.41
N TYR B 103 11.38 10.34 -3.61
CA TYR B 103 10.14 10.49 -2.84
C TYR B 103 9.26 11.56 -3.43
N PHE B 104 8.10 11.17 -3.95
CA PHE B 104 7.25 12.06 -4.71
C PHE B 104 5.79 11.92 -4.32
N LEU B 105 5.00 12.95 -4.64
CA LEU B 105 3.60 13.03 -4.25
C LEU B 105 2.68 12.83 -5.45
N ASP B 106 1.56 12.13 -5.23
CA ASP B 106 0.51 12.01 -6.24
C ASP B 106 -0.37 13.26 -6.16
N PRO B 107 -1.34 13.38 -7.08
CA PRO B 107 -2.14 14.63 -7.14
C PRO B 107 -2.90 14.94 -5.87
N ASP B 108 -3.22 13.93 -5.07
CA ASP B 108 -3.92 14.12 -3.80
C ASP B 108 -3.00 14.15 -2.61
N GLY B 109 -1.69 14.09 -2.83
CA GLY B 109 -0.76 14.07 -1.73
C GLY B 109 -0.44 12.70 -1.21
N HIS B 110 -0.87 11.62 -1.87
CA HIS B 110 -0.40 10.32 -1.43
C HIS B 110 1.11 10.28 -1.58
N LYS B 111 1.76 9.76 -0.54
CA LYS B 111 3.23 9.70 -0.50
C LYS B 111 3.72 8.45 -1.22
N LEU B 112 4.47 8.68 -2.29
CA LEU B 112 5.01 7.63 -3.14
C LEU B 112 6.53 7.66 -3.11
N GLU B 113 7.12 6.58 -3.60
CA GLU B 113 8.56 6.42 -3.64
C GLU B 113 8.90 5.54 -4.83
N LEU B 114 10.00 5.88 -5.52
CA LEU B 114 10.70 4.96 -6.38
C LEU B 114 11.86 4.39 -5.57
N HIS B 115 12.01 3.07 -5.52
CA HIS B 115 13.12 2.46 -4.79
C HIS B 115 13.77 1.35 -5.60
N VAL B 116 15.09 1.30 -5.53
CA VAL B 116 15.88 0.23 -6.08
C VAL B 116 16.42 -0.60 -4.93
N GLY B 117 16.02 -1.87 -4.84
CA GLY B 117 16.53 -2.74 -3.81
C GLY B 117 15.45 -3.51 -3.10
N SER B 118 15.76 -4.76 -2.81
CA SER B 118 14.84 -5.68 -2.16
C SER B 118 14.96 -5.63 -0.64
N LEU B 119 14.04 -6.32 0.03
CA LEU B 119 14.17 -6.53 1.47
C LEU B 119 15.49 -7.21 1.80
N ALA B 120 15.87 -8.24 1.03
CA ALA B 120 17.15 -8.91 1.26
C ALA B 120 18.32 -7.92 1.20
N GLN B 121 18.31 -7.01 0.23
CA GLN B 121 19.39 -6.02 0.15
C GLN B 121 19.40 -5.14 1.38
N ARG B 122 18.24 -4.70 1.83
CA ARG B 122 18.14 -3.90 3.04
C ARG B 122 18.65 -4.66 4.26
N LEU B 123 18.23 -5.91 4.41
CA LEU B 123 18.66 -6.68 5.57
C LEU B 123 20.18 -6.88 5.56
N ALA B 124 20.77 -7.08 4.37
CA ALA B 124 22.22 -7.24 4.30
C ALA B 124 22.92 -5.97 4.74
N ALA B 125 22.43 -4.81 4.29
CA ALA B 125 23.00 -3.54 4.72
C ALA B 125 22.85 -3.37 6.22
N CYS B 126 21.71 -3.76 6.76
CA CYS B 126 21.45 -3.60 8.19
C CYS B 126 22.32 -4.53 9.02
N ARG B 127 22.60 -5.74 8.54
N ARG B 127 22.57 -5.75 8.54
CA ARG B 127 23.48 -6.62 9.31
CA ARG B 127 23.49 -6.63 9.25
C ARG B 127 24.92 -6.09 9.33
C ARG B 127 24.86 -5.97 9.38
N GLU B 128 25.32 -5.30 8.33
CA GLU B 128 26.63 -4.67 8.39
C GLU B 128 26.65 -3.49 9.35
N GLN B 129 25.57 -2.71 9.36
CA GLN B 129 25.47 -1.51 10.18
C GLN B 129 24.09 -1.48 10.80
N PRO B 130 23.90 -2.23 11.89
CA PRO B 130 22.55 -2.31 12.46
C PRO B 130 22.09 -0.97 13.02
N TYR B 131 20.80 -0.70 12.85
CA TYR B 131 20.20 0.49 13.41
C TYR B 131 20.21 0.41 14.94
N LYS B 132 19.96 1.53 15.59
CA LYS B 132 19.93 1.56 17.05
C LYS B 132 18.82 0.63 17.55
N GLY B 133 19.21 -0.31 18.42
CA GLY B 133 18.26 -1.26 18.97
C GLY B 133 17.90 -2.41 18.07
N MET B 134 18.64 -2.62 16.98
CA MET B 134 18.21 -3.58 15.98
C MET B 134 18.47 -5.02 16.45
N VAL B 135 17.44 -5.84 16.24
N VAL B 135 17.47 -5.86 16.29
CA VAL B 135 17.43 -7.28 16.50
CA VAL B 135 17.62 -7.29 16.48
C VAL B 135 16.97 -7.95 15.21
C VAL B 135 16.96 -8.00 15.30
N PHE B 136 17.57 -9.10 14.89
CA PHE B 136 17.19 -9.88 13.73
C PHE B 136 16.53 -11.18 14.18
N PHE B 137 15.66 -11.71 13.33
CA PHE B 137 14.93 -12.94 13.66
C PHE B 137 15.09 -13.94 12.53
C1 EDO C . 8.86 9.07 11.32
O1 EDO C . 8.47 7.78 10.83
C2 EDO C . 9.68 9.80 10.27
O2 EDO C . 10.55 8.86 9.63
H11 EDO C . 9.44 8.96 12.24
H12 EDO C . 7.97 9.65 11.56
HO1 EDO C . 7.96 7.32 11.51
H21 EDO C . 10.27 10.59 10.73
H22 EDO C . 9.03 10.26 9.53
HO2 EDO C . 11.09 9.31 8.98
N1 A1IHZ D . -20.08 -4.10 -9.63
C2 A1IHZ D . -19.71 -4.71 -8.55
C4 A1IHZ D . -19.15 -6.05 -8.73
C5 A1IHZ D . -19.74 -7.10 -8.03
C6 A1IHZ D . -19.32 -8.39 -8.27
C7 A1IHZ D . -18.31 -8.60 -9.18
C9 A1IHZ D . -18.13 -6.37 -9.64
N3 A1IHZ D . -19.84 -4.16 -7.42
N8 A1IHZ D . -17.72 -7.61 -9.88
S10 A1IHZ D . -17.22 -5.08 -10.46
H1A A1IHZ D . -20.42 -3.30 -9.54
H1B A1IHZ D . -19.98 -4.54 -10.39
H5 A1IHZ D . -20.45 -6.94 -7.38
H6 A1IHZ D . -19.72 -9.15 -7.80
H7 A1IHZ D . -17.98 -9.50 -9.38
H3 A1IHZ D . -19.55 -4.68 -6.77
C1 EDO E . -14.80 -10.59 -6.61
O1 EDO E . -15.94 -10.63 -7.50
C2 EDO E . -13.54 -11.04 -7.39
O2 EDO E . -13.52 -12.34 -7.98
H11 EDO E . -14.97 -11.26 -5.76
H12 EDO E . -14.66 -9.58 -6.22
HO1 EDO E . -16.00 -9.78 -7.95
H21 EDO E . -12.69 -10.98 -6.70
H22 EDO E . -13.37 -10.32 -8.18
HO2 EDO E . -12.79 -12.39 -8.63
MN MN F . -10.31 -3.54 -1.40
MN MN G . 10.22 3.71 1.80
#